data_4FGT
#
_entry.id   4FGT
#
_cell.length_a   95.807
_cell.length_b   95.807
_cell.length_c   83.285
_cell.angle_alpha   90.00
_cell.angle_beta   90.00
_cell.angle_gamma   120.00
#
_symmetry.space_group_name_H-M   'P 31 2 1'
#
loop_
_entity.id
_entity.type
_entity.pdbx_description
1 polymer 'Thymidylate synthase'
2 polymer 'CG peptide'
3 non-polymer 'SULFATE ION'
4 water water
#
loop_
_entity_poly.entity_id
_entity_poly.type
_entity_poly.pdbx_seq_one_letter_code
_entity_poly.pdbx_strand_id
1 'polypeptide(L)'
;MRGSHHHHHHGSMPVAGSELPRRPLPPAAQERDAEPRPPHGELQYLGQIQHILRCGVRADDRTGTGTLSVFGMQARYSLR
DEFPLLTTKRVFWKGVLEELLWFIKGSTNAKELSSKGVKIWDANGSRDFLDSLGFSTREEGDLGPVYGFQWRHFGAEYRD
MESDYSGQGVDQLQRVIDTIKTNPDDRRIIMCAWNPRDLPLMALPP(CME)HAL(CME)QFYVVNSELSCQLYQRSGDMG
LGVPFNIASYALLTYMIAHITGLKPGDFIHTLGDAHIYLNHIEPLKIQLQREPRPFPKLRILRKVEKIDDFKAEDFQIEG
YNPHPTIKMEMAV
;
A
2 'polypeptide(L)' CQLY D
#
loop_
_chem_comp.id
_chem_comp.type
_chem_comp.name
_chem_comp.formula
SO4 non-polymer 'SULFATE ION' 'O4 S -2'
#
# COMPACT_ATOMS: atom_id res chain seq x y z
N GLY A 41 -15.99 0.96 8.70
CA GLY A 41 -14.91 0.00 9.15
C GLY A 41 -14.77 -1.15 8.12
N GLU A 42 -14.44 -2.33 8.63
CA GLU A 42 -14.25 -3.51 7.82
C GLU A 42 -15.54 -3.91 7.13
N LEU A 43 -16.70 -3.49 7.62
CA LEU A 43 -17.93 -3.79 6.84
C LEU A 43 -17.95 -3.22 5.42
N GLN A 44 -17.17 -2.17 5.17
CA GLN A 44 -17.08 -1.67 3.78
C GLN A 44 -16.41 -2.68 2.90
N TYR A 45 -15.23 -3.17 3.33
CA TYR A 45 -14.55 -4.15 2.52
C TYR A 45 -15.49 -5.36 2.26
N LEU A 46 -16.13 -5.84 3.32
CA LEU A 46 -17.06 -7.00 3.13
C LEU A 46 -18.23 -6.69 2.21
N GLY A 47 -18.79 -5.48 2.32
CA GLY A 47 -19.86 -5.08 1.39
C GLY A 47 -19.41 -5.00 -0.06
N GLN A 48 -18.19 -4.48 -0.27
CA GLN A 48 -17.60 -4.45 -1.60
C GLN A 48 -17.39 -5.88 -2.16
N ILE A 49 -16.80 -6.76 -1.35
CA ILE A 49 -16.63 -8.13 -1.88
C ILE A 49 -18.01 -8.70 -2.26
N GLN A 50 -18.96 -8.52 -1.36
CA GLN A 50 -20.28 -9.07 -1.66
C GLN A 50 -20.79 -8.47 -2.99
N HIS A 51 -20.55 -7.16 -3.21
CA HIS A 51 -21.10 -6.48 -4.38
C HIS A 51 -20.48 -7.04 -5.64
N ILE A 52 -19.18 -7.35 -5.58
CA ILE A 52 -18.54 -7.86 -6.79
C ILE A 52 -19.06 -9.32 -7.08
N LEU A 53 -19.27 -10.09 -6.02
CA LEU A 53 -19.78 -11.47 -6.16
C LEU A 53 -21.13 -11.42 -6.83
N ARG A 54 -21.99 -10.49 -6.38
CA ARG A 54 -23.32 -10.31 -6.95
C ARG A 54 -23.37 -9.66 -8.33
N CYS A 55 -22.51 -8.65 -8.61
CA CYS A 55 -22.64 -7.87 -9.86
C CYS A 55 -21.44 -7.82 -10.77
N GLY A 56 -20.29 -8.25 -10.29
CA GLY A 56 -19.12 -8.32 -11.15
C GLY A 56 -19.29 -9.05 -12.46
N VAL A 57 -18.61 -8.56 -13.47
CA VAL A 57 -18.72 -9.17 -14.78
C VAL A 57 -17.46 -9.96 -14.95
N ARG A 58 -17.63 -11.14 -15.55
CA ARG A 58 -16.52 -11.96 -15.88
C ARG A 58 -15.62 -11.17 -16.84
N ALA A 59 -14.31 -11.22 -16.59
CA ALA A 59 -13.31 -10.48 -17.37
C ALA A 59 -11.98 -11.16 -17.09
N ASP A 60 -11.18 -11.32 -18.13
CA ASP A 60 -9.87 -11.99 -17.92
C ASP A 60 -8.73 -10.96 -17.78
N ASP A 61 -7.81 -11.21 -16.83
CA ASP A 61 -6.63 -10.35 -16.70
C ASP A 61 -5.64 -10.64 -17.86
N ARG A 62 -4.51 -9.93 -17.87
CA ARG A 62 -3.54 -10.04 -19.00
C ARG A 62 -2.91 -11.44 -19.18
N THR A 63 -3.07 -12.32 -18.19
CA THR A 63 -2.52 -13.67 -18.26
C THR A 63 -3.62 -14.71 -18.65
N GLY A 64 -4.87 -14.24 -18.64
CA GLY A 64 -6.02 -15.04 -19.08
C GLY A 64 -6.88 -15.60 -17.96
N THR A 65 -6.43 -15.38 -16.73
CA THR A 65 -6.98 -15.96 -15.51
C THR A 65 -8.31 -15.25 -15.24
N GLY A 66 -9.36 -16.02 -14.96
CA GLY A 66 -10.68 -15.42 -14.90
C GLY A 66 -10.81 -14.52 -13.65
N THR A 67 -11.57 -13.42 -13.76
CA THR A 67 -11.91 -12.64 -12.57
C THR A 67 -13.34 -12.19 -12.71
N LEU A 68 -13.91 -11.72 -11.60
CA LEU A 68 -15.12 -10.92 -11.65
C LEU A 68 -14.65 -9.46 -11.39
N SER A 69 -15.21 -8.50 -12.11
CA SER A 69 -14.67 -7.08 -12.04
C SER A 69 -15.81 -6.11 -12.04
N VAL A 70 -15.67 -5.04 -11.26
CA VAL A 70 -16.51 -3.81 -11.34
C VAL A 70 -15.54 -2.61 -11.48
N PHE A 71 -16.06 -1.42 -11.76
CA PHE A 71 -15.27 -0.26 -11.88
C PHE A 71 -15.71 0.83 -10.91
N GLY A 72 -14.78 1.35 -10.09
CA GLY A 72 -15.02 2.56 -9.24
C GLY A 72 -15.42 2.07 -7.85
N MET A 73 -14.53 2.14 -6.86
CA MET A 73 -14.96 1.85 -5.50
C MET A 73 -14.20 2.77 -4.56
N GLN A 74 -14.68 2.91 -3.34
CA GLN A 74 -13.93 3.75 -2.40
C GLN A 74 -14.34 3.32 -1.03
N ALA A 75 -13.39 3.31 -0.10
CA ALA A 75 -13.75 3.05 1.28
C ALA A 75 -12.92 3.98 2.16
N ARG A 76 -13.36 4.25 3.41
CA ARG A 76 -12.63 5.12 4.30
C ARG A 76 -12.41 4.41 5.67
N TYR A 77 -11.18 4.37 6.15
CA TYR A 77 -10.82 3.64 7.40
C TYR A 77 -10.32 4.70 8.33
N SER A 78 -10.90 4.75 9.55
CA SER A 78 -10.40 5.68 10.51
C SER A 78 -9.02 5.23 11.00
N LEU A 79 -8.11 6.17 11.20
CA LEU A 79 -6.78 5.83 11.80
C LEU A 79 -6.69 6.37 13.24
N ARG A 80 -7.80 6.84 13.76
CA ARG A 80 -7.80 7.69 15.01
C ARG A 80 -7.95 6.74 16.17
N ASP A 81 -6.84 6.47 16.85
CA ASP A 81 -6.84 5.54 18.02
C ASP A 81 -7.20 4.13 17.60
N GLU A 82 -6.99 3.78 16.32
CA GLU A 82 -7.15 2.45 15.86
C GLU A 82 -6.41 2.29 14.52
N PHE A 83 -6.20 1.06 14.12
CA PHE A 83 -5.38 0.71 12.96
C PHE A 83 -6.11 -0.36 12.18
N PRO A 84 -6.30 -0.11 10.84
CA PRO A 84 -7.17 -1.00 10.08
C PRO A 84 -6.51 -2.24 9.50
N LEU A 85 -6.11 -3.15 10.38
CA LEU A 85 -5.53 -4.42 10.00
C LEU A 85 -6.77 -5.34 10.03
N LEU A 86 -7.20 -5.90 8.91
CA LEU A 86 -8.52 -6.51 8.84
C LEU A 86 -8.60 -7.79 9.78
N THR A 87 -9.79 -8.06 10.31
CA THR A 87 -9.93 -9.13 11.33
C THR A 87 -10.72 -10.33 10.85
N THR A 88 -11.38 -10.23 9.69
CA THR A 88 -12.09 -11.41 9.18
C THR A 88 -11.14 -12.47 8.58
N LYS A 89 -9.83 -12.16 8.51
CA LYS A 89 -8.83 -13.22 8.20
C LYS A 89 -7.57 -12.59 8.80
N ARG A 90 -6.56 -13.40 9.14
CA ARG A 90 -5.34 -12.88 9.73
C ARG A 90 -4.52 -12.30 8.57
N VAL A 91 -4.20 -11.02 8.65
CA VAL A 91 -3.41 -10.36 7.57
C VAL A 91 -1.95 -10.50 8.00
N PHE A 92 -1.06 -10.66 7.05
CA PHE A 92 0.36 -10.95 7.32
C PHE A 92 1.10 -9.62 7.73
N TRP A 93 0.93 -9.21 8.98
CA TRP A 93 1.34 -7.87 9.40
C TRP A 93 2.86 -7.82 9.25
N LYS A 94 3.57 -8.94 9.51
CA LYS A 94 5.06 -8.88 9.41
C LYS A 94 5.55 -8.60 8.00
N GLY A 95 4.91 -9.24 7.03
CA GLY A 95 5.13 -8.95 5.61
C GLY A 95 4.81 -7.44 5.31
N VAL A 96 3.70 -6.94 5.82
CA VAL A 96 3.27 -5.51 5.57
C VAL A 96 4.39 -4.60 6.04
N LEU A 97 4.78 -4.78 7.33
CA LEU A 97 5.73 -3.90 7.92
C LEU A 97 7.09 -4.00 7.22
N GLU A 98 7.61 -5.24 7.05
CA GLU A 98 8.96 -5.43 6.41
C GLU A 98 8.98 -4.97 4.96
N GLU A 99 7.89 -5.24 4.22
CA GLU A 99 7.94 -4.79 2.84
C GLU A 99 7.90 -3.20 2.77
N LEU A 100 7.15 -2.55 3.65
CA LEU A 100 7.08 -1.08 3.60
C LEU A 100 8.45 -0.50 3.99
N LEU A 101 9.07 -1.06 5.01
CA LEU A 101 10.41 -0.53 5.35
C LEU A 101 11.37 -0.69 4.18
N TRP A 102 11.27 -1.82 3.49
CA TRP A 102 12.08 -2.09 2.31
C TRP A 102 11.81 -1.11 1.13
N PHE A 103 10.54 -0.79 0.84
CA PHE A 103 10.19 0.31 -0.07
C PHE A 103 10.86 1.59 0.36
N ILE A 104 10.76 1.92 1.65
CA ILE A 104 11.33 3.20 2.16
C ILE A 104 12.85 3.30 1.94
N LYS A 105 13.55 2.19 2.18
CA LYS A 105 14.97 2.06 1.82
C LYS A 105 15.27 2.38 0.33
N GLY A 106 14.28 2.27 -0.54
CA GLY A 106 14.53 2.41 -1.97
C GLY A 106 15.23 1.16 -2.60
N SER A 107 15.21 0.02 -1.91
CA SER A 107 15.95 -1.19 -2.33
C SER A 107 15.33 -1.80 -3.57
N THR A 108 16.19 -2.35 -4.42
CA THR A 108 15.74 -3.09 -5.60
C THR A 108 16.25 -4.53 -5.51
N ASN A 109 16.68 -4.90 -4.29
CA ASN A 109 17.21 -6.24 -4.00
C ASN A 109 16.22 -7.14 -3.27
N ALA A 110 15.66 -8.11 -3.98
CA ALA A 110 14.73 -9.04 -3.40
C ALA A 110 15.32 -9.75 -2.16
N LYS A 111 16.64 -9.96 -2.17
CA LYS A 111 17.27 -10.69 -1.08
C LYS A 111 17.08 -9.94 0.24
N GLU A 112 17.17 -8.61 0.17
CA GLU A 112 17.09 -7.73 1.34
C GLU A 112 15.74 -7.78 2.03
N LEU A 113 14.73 -8.31 1.33
CA LEU A 113 13.39 -8.46 1.91
C LEU A 113 13.16 -9.93 2.37
N SER A 114 13.44 -10.89 1.49
CA SER A 114 13.17 -12.33 1.79
C SER A 114 13.86 -12.78 3.08
N SER A 115 15.09 -12.27 3.27
CA SER A 115 15.92 -12.62 4.41
C SER A 115 15.30 -12.12 5.72
N LYS A 116 14.19 -11.38 5.62
CA LYS A 116 13.54 -10.83 6.82
C LYS A 116 12.47 -11.83 7.29
N GLY A 117 12.42 -12.98 6.60
CA GLY A 117 11.38 -13.98 6.85
C GLY A 117 10.05 -13.61 6.17
N VAL A 118 10.15 -13.08 4.96
CA VAL A 118 8.99 -12.60 4.19
C VAL A 118 9.13 -12.95 2.70
N LYS A 119 8.12 -13.59 2.12
CA LYS A 119 8.16 -13.91 0.69
C LYS A 119 7.67 -12.79 -0.25
N ILE A 120 6.43 -12.35 -0.03
CA ILE A 120 5.67 -11.48 -0.97
C ILE A 120 6.28 -11.29 -2.40
N TRP A 121 7.22 -10.35 -2.56
CA TRP A 121 7.94 -10.16 -3.85
C TRP A 121 8.83 -11.38 -4.14
N ARG A 138 21.28 -9.56 -16.31
CA ARG A 138 19.99 -9.71 -15.63
C ARG A 138 20.17 -10.66 -14.42
N GLU A 139 20.81 -10.15 -13.36
CA GLU A 139 21.30 -10.96 -12.21
C GLU A 139 20.23 -11.35 -11.17
N GLU A 140 20.65 -12.20 -10.24
CA GLU A 140 19.76 -12.73 -9.19
C GLU A 140 19.33 -11.69 -8.16
N GLY A 141 18.04 -11.70 -7.83
CA GLY A 141 17.47 -10.74 -6.85
C GLY A 141 17.27 -9.30 -7.32
N ASP A 142 17.84 -8.93 -8.46
CA ASP A 142 17.68 -7.57 -8.98
C ASP A 142 16.30 -7.41 -9.59
N LEU A 143 15.46 -6.58 -8.94
CA LEU A 143 14.06 -6.44 -9.40
C LEU A 143 13.82 -5.29 -10.34
N GLY A 144 14.86 -4.52 -10.65
CA GLY A 144 14.70 -3.35 -11.47
C GLY A 144 14.04 -2.21 -10.66
N PRO A 145 13.63 -1.14 -11.34
CA PRO A 145 13.14 0.06 -10.64
C PRO A 145 11.74 -0.17 -10.05
N VAL A 146 11.68 -0.99 -9.01
CA VAL A 146 10.42 -1.21 -8.31
C VAL A 146 9.95 0.03 -7.50
N TYR A 147 8.84 -0.13 -6.79
CA TYR A 147 8.00 1.00 -6.31
C TYR A 147 8.83 1.83 -5.38
N GLY A 148 9.64 1.17 -4.56
CA GLY A 148 10.43 1.90 -3.60
C GLY A 148 11.52 2.75 -4.22
N PHE A 149 12.16 2.23 -5.28
CA PHE A 149 13.18 2.99 -6.00
C PHE A 149 12.53 4.25 -6.59
N GLN A 150 11.29 4.10 -7.09
CA GLN A 150 10.52 5.24 -7.63
C GLN A 150 10.13 6.25 -6.58
N TRP A 151 9.88 5.76 -5.37
CA TRP A 151 9.49 6.65 -4.31
C TRP A 151 10.70 7.56 -3.96
N ARG A 152 11.89 6.99 -4.00
CA ARG A 152 13.08 7.73 -3.50
C ARG A 152 13.95 8.34 -4.60
N HIS A 153 13.84 7.82 -5.82
CA HIS A 153 14.68 8.23 -6.98
C HIS A 153 13.90 8.39 -8.26
N PHE A 154 12.76 9.08 -8.19
CA PHE A 154 11.77 9.21 -9.27
C PHE A 154 12.47 9.85 -10.44
N GLY A 155 12.49 9.16 -11.58
CA GLY A 155 13.02 9.74 -12.81
C GLY A 155 14.50 9.46 -13.07
N ALA A 156 15.20 8.86 -12.11
CA ALA A 156 16.62 8.49 -12.30
C ALA A 156 16.71 7.30 -13.27
N GLU A 157 17.77 7.24 -14.08
CA GLU A 157 17.89 6.06 -14.93
C GLU A 157 18.40 4.89 -14.09
N TYR A 158 17.67 3.77 -14.17
CA TYR A 158 18.05 2.58 -13.43
C TYR A 158 19.21 1.82 -14.12
N ARG A 159 20.24 1.49 -13.35
CA ARG A 159 21.33 0.67 -13.86
C ARG A 159 21.40 -0.67 -13.09
N ASP A 160 21.86 -0.62 -11.84
CA ASP A 160 22.22 -1.82 -11.06
C ASP A 160 21.58 -1.82 -9.66
N MET A 161 21.32 -3.02 -9.11
CA MET A 161 20.84 -3.09 -7.72
C MET A 161 21.86 -2.63 -6.65
N GLU A 162 23.16 -2.68 -7.00
CA GLU A 162 24.24 -2.29 -6.08
C GLU A 162 24.90 -0.99 -6.49
N SER A 163 24.20 -0.18 -7.27
CA SER A 163 24.69 1.13 -7.68
C SER A 163 24.42 2.17 -6.59
N ASP A 164 25.01 3.35 -6.74
CA ASP A 164 24.86 4.44 -5.77
C ASP A 164 23.97 5.54 -6.37
N TYR A 165 22.71 5.59 -5.94
CA TYR A 165 21.71 6.49 -6.55
C TYR A 165 21.57 7.81 -5.79
N SER A 166 22.45 7.98 -4.80
CA SER A 166 22.57 9.19 -4.01
C SER A 166 22.29 10.44 -4.79
N GLY A 167 21.32 11.23 -4.32
CA GLY A 167 20.99 12.50 -4.94
C GLY A 167 20.51 12.41 -6.38
N GLN A 168 20.22 11.21 -6.89
CA GLN A 168 19.64 11.08 -8.25
C GLN A 168 18.11 10.93 -8.19
N GLY A 169 17.42 11.57 -9.11
CA GLY A 169 15.95 11.54 -9.17
C GLY A 169 15.30 12.36 -8.08
N VAL A 170 13.97 12.39 -8.10
CA VAL A 170 13.21 13.13 -7.12
C VAL A 170 12.88 12.20 -5.99
N ASP A 171 13.18 12.63 -4.78
CA ASP A 171 12.82 11.89 -3.59
C ASP A 171 11.35 12.28 -3.26
N GLN A 172 10.39 11.56 -3.85
CA GLN A 172 9.00 11.96 -3.74
C GLN A 172 8.60 11.85 -2.30
N LEU A 173 9.15 10.86 -1.59
CA LEU A 173 8.66 10.60 -0.25
C LEU A 173 9.11 11.74 0.67
N GLN A 174 10.40 12.09 0.60
CA GLN A 174 10.90 13.22 1.38
C GLN A 174 10.18 14.55 0.99
N ARG A 175 9.90 14.72 -0.31
CA ARG A 175 9.18 15.86 -0.74
C ARG A 175 7.80 15.96 -0.10
N VAL A 176 7.08 14.82 0.00
CA VAL A 176 5.80 14.84 0.63
C VAL A 176 5.98 15.29 2.10
N ILE A 177 6.95 14.71 2.80
CA ILE A 177 7.15 15.08 4.20
C ILE A 177 7.56 16.58 4.29
N ASP A 178 8.43 17.02 3.38
CA ASP A 178 8.89 18.47 3.43
C ASP A 178 7.77 19.43 3.15
N THR A 179 6.86 19.04 2.23
CA THR A 179 5.67 19.87 1.93
C THR A 179 4.70 19.90 3.10
N ILE A 180 4.40 18.78 3.70
CA ILE A 180 3.57 18.84 4.93
C ILE A 180 4.17 19.80 5.94
N LYS A 181 5.50 19.84 6.09
CA LYS A 181 6.12 20.73 7.15
C LYS A 181 6.12 22.19 6.64
N THR A 182 6.19 22.42 5.34
CA THR A 182 6.30 23.83 4.93
C THR A 182 4.96 24.46 4.57
N ASN A 183 4.03 23.62 4.14
CA ASN A 183 2.70 24.10 3.85
C ASN A 183 1.61 23.03 3.96
N PRO A 184 1.10 22.81 5.16
CA PRO A 184 0.23 21.60 5.35
C PRO A 184 -1.12 21.81 4.60
N ASP A 185 -1.40 23.03 4.18
CA ASP A 185 -2.63 23.32 3.39
C ASP A 185 -2.47 22.98 1.92
N ASP A 186 -1.25 22.73 1.46
CA ASP A 186 -1.06 22.49 0.06
C ASP A 186 -1.99 21.28 -0.42
N ARG A 187 -2.72 21.40 -1.50
CA ARG A 187 -3.45 20.16 -1.93
C ARG A 187 -2.77 19.45 -3.13
N ARG A 188 -1.49 19.71 -3.33
CA ARG A 188 -0.68 18.96 -4.26
C ARG A 188 0.29 17.96 -3.57
N ILE A 189 -0.06 17.46 -2.38
CA ILE A 189 0.89 16.63 -1.67
C ILE A 189 0.62 15.16 -2.17
N ILE A 190 1.36 14.77 -3.21
CA ILE A 190 1.01 13.56 -3.99
C ILE A 190 2.29 12.83 -4.39
N MET A 191 2.29 11.51 -4.23
CA MET A 191 3.43 10.74 -4.66
C MET A 191 2.81 9.67 -5.64
N CYS A 192 3.57 9.18 -6.66
CA CYS A 192 2.97 8.26 -7.67
C CYS A 192 3.93 7.12 -7.93
N ALA A 193 3.40 5.98 -8.39
CA ALA A 193 4.27 4.77 -8.61
C ALA A 193 3.77 4.14 -9.90
N TRP A 194 4.72 3.55 -10.70
CA TRP A 194 4.42 2.97 -12.02
C TRP A 194 4.75 1.49 -11.94
N ASN A 195 3.99 0.70 -12.66
CA ASN A 195 4.37 -0.73 -12.82
C ASN A 195 5.63 -0.73 -13.73
N PRO A 196 6.78 -1.30 -13.28
CA PRO A 196 8.00 -1.22 -14.11
C PRO A 196 7.78 -1.78 -15.51
N ARG A 197 6.88 -2.74 -15.63
CA ARG A 197 6.68 -3.28 -16.98
C ARG A 197 6.13 -2.27 -17.96
N ASP A 198 5.45 -1.20 -17.46
CA ASP A 198 4.97 -0.13 -18.38
C ASP A 198 6.04 0.83 -18.85
N LEU A 199 7.17 0.95 -18.13
CA LEU A 199 8.10 2.03 -18.43
C LEU A 199 8.70 2.01 -19.86
N PRO A 200 9.17 0.86 -20.32
CA PRO A 200 9.72 0.90 -21.70
C PRO A 200 8.58 0.82 -22.77
N LEU A 201 7.36 0.67 -22.30
CA LEU A 201 6.23 0.35 -23.17
C LEU A 201 5.86 1.40 -24.16
N MET A 202 5.90 2.66 -23.74
CA MET A 202 5.36 3.74 -24.53
C MET A 202 5.95 4.96 -23.91
N ALA A 203 5.86 6.10 -24.56
CA ALA A 203 6.27 7.35 -23.95
C ALA A 203 5.24 7.76 -22.87
N LEU A 204 5.73 8.33 -21.77
CA LEU A 204 4.86 8.94 -20.79
C LEU A 204 3.73 7.96 -20.42
N PRO A 205 4.07 6.77 -19.93
CA PRO A 205 2.99 5.84 -19.62
C PRO A 205 2.21 6.35 -18.37
N PRO A 206 1.00 5.84 -18.17
CA PRO A 206 0.39 6.33 -16.93
C PRO A 206 0.85 5.57 -15.67
N CME A 207 0.74 6.24 -14.53
CA CME A 207 0.97 5.58 -13.25
CB CME A 207 1.13 6.65 -12.16
SG CME A 207 -0.38 7.22 -11.36
SD CME A 207 -1.43 7.85 -12.76
CE CME A 207 -0.51 8.81 -13.96
CZ CME A 207 0.76 9.38 -13.37
OH CME A 207 0.43 9.87 -12.04
C CME A 207 0.03 4.52 -12.92
O CME A 207 -1.03 4.33 -13.57
N HIS A 208 0.49 3.62 -12.02
CA HIS A 208 -0.33 2.57 -11.57
C HIS A 208 -1.08 2.98 -10.28
N ALA A 209 -0.44 3.81 -9.44
CA ALA A 209 -1.11 4.21 -8.17
C ALA A 209 -0.62 5.59 -7.77
N LEU A 210 -1.44 6.29 -6.98
CA LEU A 210 -0.96 7.59 -6.47
C LEU A 210 -1.50 7.71 -5.05
N CME A 211 -0.77 8.44 -4.18
CA CME A 211 -1.20 8.65 -2.80
CB CME A 211 -0.06 8.24 -1.79
SG CME A 211 0.19 6.48 -1.74
SD CME A 211 2.22 6.27 -2.41
CE CME A 211 2.27 6.12 -4.22
CZ CME A 211 1.76 4.76 -4.52
OH CME A 211 2.88 3.83 -4.15
C CME A 211 -1.26 10.18 -2.74
O CME A 211 -0.26 10.87 -3.04
N GLN A 212 -2.38 10.69 -2.23
CA GLN A 212 -2.51 12.16 -1.96
C GLN A 212 -2.67 12.30 -0.48
N PHE A 213 -1.84 13.18 0.14
CA PHE A 213 -1.96 13.42 1.54
C PHE A 213 -2.71 14.74 1.86
N TYR A 214 -3.24 14.82 3.05
CA TYR A 214 -4.12 15.94 3.35
C TYR A 214 -4.02 16.20 4.83
N VAL A 215 -3.99 17.48 5.18
CA VAL A 215 -3.84 17.90 6.62
C VAL A 215 -4.85 18.93 6.98
N VAL A 216 -5.59 18.57 8.00
CA VAL A 216 -6.50 19.53 8.63
C VAL A 216 -6.43 19.39 10.16
N ASN A 217 -6.47 20.52 10.90
CA ASN A 217 -6.50 20.36 12.40
C ASN A 217 -5.43 19.41 12.98
N SER A 218 -4.21 19.53 12.48
CA SER A 218 -3.11 18.68 12.94
C SER A 218 -3.29 17.17 12.70
N GLU A 219 -4.17 16.79 11.74
CA GLU A 219 -4.35 15.38 11.41
C GLU A 219 -4.02 15.16 9.94
N LEU A 220 -3.33 14.06 9.69
CA LEU A 220 -2.86 13.70 8.38
C LEU A 220 -3.74 12.56 7.84
N SER A 221 -4.38 12.78 6.66
CA SER A 221 -5.07 11.71 5.96
C SER A 221 -4.33 11.38 4.66
N CYS A 222 -4.62 10.18 4.11
CA CYS A 222 -4.04 9.71 2.86
C CYS A 222 -5.12 9.05 2.02
N GLN A 223 -5.17 9.38 0.72
CA GLN A 223 -6.04 8.67 -0.18
C GLN A 223 -5.13 7.96 -1.21
N LEU A 224 -5.24 6.60 -1.22
CA LEU A 224 -4.54 5.84 -2.20
C LEU A 224 -5.52 5.61 -3.40
N TYR A 225 -5.14 6.00 -4.61
CA TYR A 225 -5.97 5.65 -5.77
C TYR A 225 -5.17 4.61 -6.58
N GLN A 226 -5.67 3.39 -6.85
CA GLN A 226 -4.96 2.43 -7.68
C GLN A 226 -5.82 2.18 -8.89
N ARG A 227 -5.21 2.09 -10.09
CA ARG A 227 -6.05 1.86 -11.29
C ARG A 227 -6.68 0.47 -11.34
N SER A 228 -6.06 -0.53 -10.64
CA SER A 228 -6.59 -1.87 -10.66
C SER A 228 -6.27 -2.49 -9.26
N GLY A 229 -7.19 -3.20 -8.60
CA GLY A 229 -6.90 -3.72 -7.27
C GLY A 229 -7.46 -5.16 -7.26
N ASP A 230 -6.65 -6.07 -6.72
CA ASP A 230 -7.05 -7.42 -6.43
C ASP A 230 -7.71 -7.41 -5.06
N MET A 231 -9.01 -7.59 -5.02
CA MET A 231 -9.81 -7.36 -3.78
C MET A 231 -9.54 -8.47 -2.77
N GLY A 232 -9.22 -9.67 -3.27
CA GLY A 232 -9.00 -10.80 -2.36
C GLY A 232 -7.71 -10.86 -1.56
N LEU A 233 -6.59 -10.73 -2.25
CA LEU A 233 -5.28 -10.75 -1.66
C LEU A 233 -4.62 -9.36 -1.53
N GLY A 234 -4.74 -8.55 -2.58
CA GLY A 234 -3.94 -7.29 -2.53
C GLY A 234 -4.56 -6.22 -1.65
N VAL A 235 -5.88 -6.04 -1.69
CA VAL A 235 -6.49 -4.87 -0.94
C VAL A 235 -6.29 -4.94 0.60
N PRO A 236 -6.59 -6.08 1.27
CA PRO A 236 -6.39 -6.01 2.76
C PRO A 236 -4.96 -5.72 3.09
N PHE A 237 -4.04 -6.28 2.32
CA PHE A 237 -2.58 -6.00 2.60
C PHE A 237 -2.21 -4.47 2.36
N ASN A 238 -2.77 -3.87 1.29
CA ASN A 238 -2.51 -2.47 1.01
C ASN A 238 -3.17 -1.51 1.93
N ILE A 239 -4.36 -1.90 2.40
CA ILE A 239 -4.98 -1.07 3.43
C ILE A 239 -4.05 -0.95 4.61
N ALA A 240 -3.54 -2.12 5.06
CA ALA A 240 -2.58 -2.05 6.13
C ALA A 240 -1.28 -1.29 5.74
N SER A 241 -0.72 -1.47 4.52
CA SER A 241 0.59 -0.89 4.25
C SER A 241 0.47 0.63 4.17
N TYR A 242 -0.60 1.08 3.52
CA TYR A 242 -0.72 2.63 3.43
C TYR A 242 -1.21 3.24 4.63
N ALA A 243 -2.01 2.51 5.38
CA ALA A 243 -2.31 3.03 6.72
C ALA A 243 -1.05 3.20 7.56
N LEU A 244 -0.15 2.20 7.47
CA LEU A 244 1.10 2.26 8.25
C LEU A 244 1.98 3.38 7.73
N LEU A 245 2.04 3.55 6.39
CA LEU A 245 2.80 4.71 5.87
C LEU A 245 2.25 6.04 6.42
N THR A 246 0.92 6.12 6.51
CA THR A 246 0.34 7.39 7.05
C THR A 246 0.73 7.61 8.53
N TYR A 247 0.66 6.53 9.33
CA TYR A 247 1.17 6.64 10.75
C TYR A 247 2.64 7.08 10.79
N MET A 248 3.49 6.56 9.91
CA MET A 248 4.94 6.92 9.94
C MET A 248 5.13 8.40 9.62
N ILE A 249 4.46 8.87 8.54
CA ILE A 249 4.63 10.28 8.13
C ILE A 249 4.00 11.16 9.16
N ALA A 250 2.86 10.76 9.75
CA ALA A 250 2.26 11.63 10.75
C ALA A 250 3.21 11.70 11.97
N HIS A 251 3.81 10.58 12.34
CA HIS A 251 4.81 10.61 13.44
C HIS A 251 5.98 11.59 13.16
N ILE A 252 6.59 11.51 11.99
CA ILE A 252 7.71 12.29 11.52
C ILE A 252 7.31 13.81 11.56
N THR A 253 6.06 14.14 11.18
CA THR A 253 5.72 15.53 11.01
C THR A 253 5.01 16.11 12.20
N GLY A 254 4.82 15.30 13.22
CA GLY A 254 4.19 15.75 14.50
C GLY A 254 2.67 15.90 14.41
N LEU A 255 2.00 15.11 13.54
CA LEU A 255 0.55 15.19 13.31
C LEU A 255 -0.06 13.93 13.84
N LYS A 256 -1.38 13.89 14.01
CA LYS A 256 -2.03 12.64 14.38
C LYS A 256 -2.60 12.02 13.07
N PRO A 257 -2.64 10.69 12.96
CA PRO A 257 -3.29 10.12 11.75
C PRO A 257 -4.80 10.42 11.70
N GLY A 258 -5.37 10.68 10.54
CA GLY A 258 -6.82 10.95 10.46
C GLY A 258 -7.54 9.74 9.77
N ASP A 259 -7.65 9.77 8.44
CA ASP A 259 -8.31 8.72 7.66
C ASP A 259 -7.39 8.19 6.56
N PHE A 260 -7.50 6.88 6.27
CA PHE A 260 -6.99 6.37 5.04
C PHE A 260 -8.19 6.07 4.11
N ILE A 261 -8.12 6.63 2.91
CA ILE A 261 -9.19 6.40 1.97
C ILE A 261 -8.58 5.56 0.86
N HIS A 262 -9.29 4.51 0.45
CA HIS A 262 -8.76 3.68 -0.63
C HIS A 262 -9.71 3.66 -1.81
N THR A 263 -9.24 4.12 -2.97
CA THR A 263 -10.14 4.31 -4.12
C THR A 263 -9.61 3.40 -5.21
N LEU A 264 -10.49 2.63 -5.88
CA LEU A 264 -10.00 1.75 -6.97
C LEU A 264 -10.62 2.19 -8.26
N GLY A 265 -9.93 1.90 -9.40
CA GLY A 265 -10.55 1.93 -10.73
C GLY A 265 -11.14 0.52 -10.91
N ASP A 266 -10.43 -0.37 -11.62
CA ASP A 266 -10.93 -1.76 -11.75
C ASP A 266 -10.81 -2.55 -10.46
N ALA A 267 -11.88 -3.07 -9.86
CA ALA A 267 -11.71 -3.74 -8.59
C ALA A 267 -12.13 -5.17 -8.97
N HIS A 268 -11.27 -6.16 -8.72
CA HIS A 268 -11.59 -7.52 -9.23
C HIS A 268 -11.28 -8.57 -8.20
N ILE A 269 -12.03 -9.68 -8.38
CA ILE A 269 -11.79 -10.86 -7.55
C ILE A 269 -11.47 -12.03 -8.49
N TYR A 270 -10.37 -12.74 -8.25
CA TYR A 270 -10.02 -13.92 -9.03
C TYR A 270 -11.03 -15.03 -8.80
N LEU A 271 -11.38 -15.71 -9.89
CA LEU A 271 -12.34 -16.85 -9.79
C LEU A 271 -11.98 -17.90 -8.74
N ASN A 272 -10.70 -18.19 -8.58
CA ASN A 272 -10.24 -19.21 -7.63
CA ASN A 272 -10.31 -19.22 -7.65
C ASN A 272 -10.38 -18.71 -6.21
N HIS A 273 -10.64 -17.39 -6.01
CA HIS A 273 -10.78 -16.81 -4.66
C HIS A 273 -12.26 -16.71 -4.27
N ILE A 274 -13.15 -17.03 -5.17
CA ILE A 274 -14.54 -16.79 -4.79
C ILE A 274 -15.03 -17.66 -3.57
N GLU A 275 -14.65 -18.93 -3.53
CA GLU A 275 -15.21 -19.82 -2.51
C GLU A 275 -14.59 -19.41 -1.17
N PRO A 276 -13.29 -19.11 -1.12
CA PRO A 276 -12.82 -18.66 0.20
C PRO A 276 -13.45 -17.34 0.67
N LEU A 277 -13.66 -16.38 -0.28
CA LEU A 277 -14.22 -15.08 0.09
C LEU A 277 -15.68 -15.22 0.55
N LYS A 278 -16.44 -16.13 -0.10
CA LYS A 278 -17.81 -16.43 0.40
C LYS A 278 -17.83 -16.84 1.86
N ILE A 279 -16.85 -17.63 2.29
CA ILE A 279 -16.70 -18.02 3.65
C ILE A 279 -16.19 -16.90 4.52
N GLN A 280 -15.19 -16.14 4.05
CA GLN A 280 -14.78 -15.00 4.84
C GLN A 280 -16.01 -14.07 5.10
N LEU A 281 -16.86 -13.88 4.10
CA LEU A 281 -18.09 -13.08 4.31
C LEU A 281 -19.04 -13.51 5.45
N GLN A 282 -18.93 -14.75 5.92
CA GLN A 282 -19.81 -15.20 7.02
C GLN A 282 -19.24 -14.87 8.38
N ARG A 283 -18.01 -14.32 8.41
CA ARG A 283 -17.31 -14.06 9.65
C ARG A 283 -17.58 -12.65 10.20
N GLU A 284 -17.79 -12.54 11.50
CA GLU A 284 -18.09 -11.24 12.11
C GLU A 284 -16.81 -10.48 12.35
N PRO A 285 -16.68 -9.24 11.83
CA PRO A 285 -15.50 -8.48 12.18
C PRO A 285 -15.37 -8.30 13.69
N ARG A 286 -14.14 -8.23 14.15
CA ARG A 286 -13.87 -7.88 15.53
C ARG A 286 -13.34 -6.44 15.53
N PRO A 287 -13.31 -5.77 16.69
CA PRO A 287 -12.78 -4.39 16.75
C PRO A 287 -11.35 -4.42 16.24
N PHE A 288 -10.99 -3.40 15.47
CA PHE A 288 -9.62 -3.23 15.06
C PHE A 288 -8.62 -3.10 16.21
N PRO A 289 -7.34 -3.45 15.98
CA PRO A 289 -6.27 -3.26 16.95
C PRO A 289 -5.80 -1.82 16.94
N LYS A 290 -4.75 -1.55 17.72
CA LYS A 290 -4.04 -0.32 17.69
C LYS A 290 -2.61 -0.53 17.24
N LEU A 291 -1.98 0.55 16.77
CA LEU A 291 -0.61 0.48 16.36
C LEU A 291 0.05 1.49 17.32
N ARG A 292 1.06 1.02 18.01
CA ARG A 292 1.92 1.88 18.80
C ARG A 292 3.24 2.07 18.15
N ILE A 293 3.75 3.30 18.23
CA ILE A 293 5.09 3.55 17.73
C ILE A 293 5.97 3.75 19.04
N LEU A 294 7.04 2.98 19.15
CA LEU A 294 7.65 2.77 20.50
C LEU A 294 8.75 3.77 20.94
N ARG A 295 9.12 4.68 20.05
CA ARG A 295 10.09 5.70 20.37
C ARG A 295 9.91 6.88 19.46
N LYS A 296 10.53 7.98 19.83
CA LYS A 296 10.55 9.14 19.02
C LYS A 296 11.49 8.93 17.84
N VAL A 297 10.97 9.06 16.62
CA VAL A 297 11.81 8.89 15.47
C VAL A 297 11.67 10.17 14.66
N GLU A 298 12.78 10.65 14.12
CA GLU A 298 12.79 11.97 13.52
C GLU A 298 12.86 11.98 11.98
N LYS A 299 13.45 10.94 11.38
CA LYS A 299 13.64 10.89 9.92
C LYS A 299 12.97 9.57 9.42
N ILE A 300 12.19 9.64 8.33
CA ILE A 300 11.50 8.43 7.81
C ILE A 300 12.47 7.23 7.61
N ASP A 301 13.70 7.48 7.16
CA ASP A 301 14.73 6.42 7.00
C ASP A 301 15.17 5.76 8.34
N ASP A 302 14.84 6.37 9.47
CA ASP A 302 15.35 5.86 10.75
C ASP A 302 14.43 4.82 11.39
N PHE A 303 13.20 4.63 10.88
CA PHE A 303 12.32 3.59 11.45
C PHE A 303 12.87 2.19 11.26
N LYS A 304 12.62 1.33 12.27
CA LYS A 304 12.98 -0.06 12.17
C LYS A 304 11.78 -0.85 12.56
N ALA A 305 11.76 -2.12 12.21
CA ALA A 305 10.61 -2.97 12.52
C ALA A 305 10.26 -3.00 14.01
N GLU A 306 11.32 -2.96 14.86
CA GLU A 306 11.20 -2.95 16.31
C GLU A 306 10.55 -1.72 16.87
N ASP A 307 10.38 -0.67 16.06
CA ASP A 307 9.69 0.52 16.59
C ASP A 307 8.18 0.43 16.71
N PHE A 308 7.60 -0.63 16.22
CA PHE A 308 6.16 -0.76 16.03
C PHE A 308 5.65 -1.93 16.79
N GLN A 309 4.47 -1.78 17.38
CA GLN A 309 3.81 -2.88 18.04
C GLN A 309 2.31 -2.76 17.78
N ILE A 310 1.75 -3.79 17.22
CA ILE A 310 0.32 -3.93 17.06
C ILE A 310 -0.28 -4.46 18.37
N GLU A 311 -1.36 -3.83 18.86
CA GLU A 311 -1.96 -4.25 20.17
C GLU A 311 -3.39 -4.62 19.99
N GLY A 312 -3.84 -5.66 20.67
CA GLY A 312 -5.20 -6.09 20.59
C GLY A 312 -5.67 -6.65 19.25
N TYR A 313 -4.79 -7.27 18.49
CA TYR A 313 -5.21 -7.84 17.23
C TYR A 313 -5.75 -9.25 17.45
N ASN A 314 -6.99 -9.49 17.02
CA ASN A 314 -7.66 -10.75 17.33
C ASN A 314 -8.45 -11.21 16.08
N PRO A 315 -7.74 -11.65 15.06
CA PRO A 315 -8.37 -11.99 13.78
C PRO A 315 -8.99 -13.40 13.84
N HIS A 316 -9.90 -13.64 12.91
CA HIS A 316 -10.26 -14.97 12.49
C HIS A 316 -9.07 -15.63 11.74
N PRO A 317 -9.19 -16.95 11.43
CA PRO A 317 -7.96 -17.64 10.93
C PRO A 317 -7.47 -17.15 9.57
N THR A 318 -6.18 -17.34 9.32
CA THR A 318 -5.64 -17.20 7.96
C THR A 318 -6.48 -17.84 6.88
N ILE A 319 -6.66 -17.10 5.77
CA ILE A 319 -7.27 -17.68 4.60
C ILE A 319 -6.23 -17.74 3.49
N LYS A 320 -6.01 -18.91 2.92
CA LYS A 320 -5.11 -19.05 1.79
C LYS A 320 -5.83 -18.68 0.53
N MET A 321 -5.21 -17.79 -0.25
CA MET A 321 -5.74 -17.52 -1.60
C MET A 321 -4.66 -17.89 -2.64
N GLU A 322 -4.98 -18.72 -3.62
CA GLU A 322 -3.99 -19.07 -4.66
C GLU A 322 -3.35 -17.83 -5.32
N MET A 323 -2.01 -17.79 -5.38
CA MET A 323 -1.30 -16.72 -6.09
C MET A 323 -1.22 -17.09 -7.58
N CYS B 1 5.01 13.85 -10.31
CA CYS B 1 4.28 12.76 -11.05
C CYS B 1 3.84 12.90 -12.55
N GLN B 2 4.32 13.73 -13.49
CA GLN B 2 5.55 14.50 -13.46
CA GLN B 2 5.49 14.58 -13.38
C GLN B 2 5.50 15.66 -14.49
N LEU B 3 6.54 16.51 -14.54
CA LEU B 3 6.55 17.70 -15.46
C LEU B 3 5.99 17.39 -16.84
N TYR B 4 4.68 17.68 -16.99
CA TYR B 4 3.82 17.16 -18.07
C TYR B 4 4.53 16.74 -19.36
S SO4 C . 0.81 -5.65 -22.41
O1 SO4 C . 1.44 -6.46 -23.41
O2 SO4 C . 1.65 -4.74 -21.65
O3 SO4 C . -0.03 -6.50 -21.66
O4 SO4 C . -0.05 -4.66 -23.02
S SO4 D . -17.06 -13.87 16.78
O1 SO4 D . -16.07 -14.97 16.91
O2 SO4 D . -17.56 -13.46 18.10
O3 SO4 D . -16.35 -12.72 16.19
O4 SO4 D . -18.21 -14.26 15.96
S SO4 E . -5.44 22.87 -7.58
O1 SO4 E . -3.97 23.04 -7.63
O2 SO4 E . -5.89 23.48 -6.33
O3 SO4 E . -6.04 23.51 -8.75
O4 SO4 E . -5.86 21.46 -7.58
#